data_4ZNH
#
_entry.id   4ZNH
#
_cell.length_a   56.050
_cell.length_b   83.820
_cell.length_c   58.490
_cell.angle_alpha   90.000
_cell.angle_beta   109.340
_cell.angle_gamma   90.000
#
_symmetry.space_group_name_H-M   'P 1 21 1'
#
loop_
_entity.id
_entity.type
_entity.pdbx_description
1 polymer 'Estrogen receptor'
2 polymer 'Nuclear receptor-interacting peptide'
3 non-polymer '2-fluorophenyl (1S,2R,4S)-5,6-bis(4-hydroxyphenyl)-7-oxabicyclo[2.2.1]hept-5-ene-2-sulfonate'
4 water water
#
loop_
_entity_poly.entity_id
_entity_poly.type
_entity_poly.pdbx_seq_one_letter_code
_entity_poly.pdbx_strand_id
1 'polypeptide(L)'
;SKKNSLALSLTADQMVSALLDAEPPILYSEYDPTRPFSEASMMGLLTNLADRELVHMINWAKRVPGFVDLTLHDQVHLLE
CAWLEILMIGLVWRSMEHPGKLLFAPNLLLDRNQGKCVEGMVEIFDMLLATSSRFRMMNLQGEEFVCLKSIILLNSGVYT
FLSSTLKSLEEKDHIHRVLDKITDTLIHLMAKAGLTLQQQHQRLAQLLLILSHIRHMSNKGMEHLYSMKCKNVVPLSDLL
LEMLDAHRLHAPTSRGGAS
;
A,B
2 'polypeptide(L)' KHKILHRLLQDSS C,D
#
loop_
_chem_comp.id
_chem_comp.type
_chem_comp.name
_chem_comp.formula
OBC non-polymer '2-fluorophenyl (1S,2R,4S)-5,6-bis(4-hydroxyphenyl)-7-oxabicyclo[2.2.1]hept-5-ene-2-sulfonate' 'C24 H19 F O6 S'
#
# COMPACT_ATOMS: atom_id res chain seq x y z
N LEU A 6 25.34 11.37 -4.06
CA LEU A 6 25.81 11.32 -5.44
C LEU A 6 24.79 10.63 -6.35
N ALA A 7 23.68 10.22 -5.76
CA ALA A 7 22.59 9.61 -6.52
C ALA A 7 21.78 10.69 -7.23
N LEU A 8 21.83 11.90 -6.68
CA LEU A 8 21.06 13.03 -7.21
C LEU A 8 21.77 13.66 -8.40
N SER A 9 23.00 13.21 -8.65
CA SER A 9 23.78 13.71 -9.78
C SER A 9 23.61 12.80 -11.00
N LEU A 10 22.91 11.69 -10.81
CA LEU A 10 22.69 10.74 -11.89
C LEU A 10 21.63 11.25 -12.87
N THR A 11 21.85 11.00 -14.15
CA THR A 11 20.82 11.27 -15.15
C THR A 11 19.81 10.14 -15.12
N ALA A 12 18.75 10.26 -15.91
CA ALA A 12 17.72 9.23 -15.96
C ALA A 12 18.28 7.92 -16.49
N ASP A 13 18.97 7.99 -17.63
CA ASP A 13 19.56 6.81 -18.26
C ASP A 13 20.56 6.12 -17.34
N GLN A 14 21.29 6.92 -16.57
CA GLN A 14 22.27 6.39 -15.63
C GLN A 14 21.58 5.76 -14.42
N MET A 15 20.42 6.29 -14.06
CA MET A 15 19.60 5.70 -13.01
C MET A 15 19.14 4.31 -13.45
N VAL A 16 18.60 4.25 -14.67
CA VAL A 16 18.11 3.00 -15.23
C VAL A 16 19.21 1.95 -15.34
N SER A 17 20.35 2.35 -15.88
CA SER A 17 21.48 1.45 -16.08
C SER A 17 21.98 0.89 -14.75
N ALA A 18 22.07 1.76 -13.76
CA ALA A 18 22.51 1.34 -12.43
C ALA A 18 21.55 0.32 -11.83
N LEU A 19 20.25 0.59 -11.98
CA LEU A 19 19.22 -0.29 -11.43
C LEU A 19 19.14 -1.62 -12.17
N LEU A 20 19.30 -1.57 -13.49
CA LEU A 20 19.27 -2.79 -14.29
C LEU A 20 20.47 -3.67 -13.94
N ASP A 21 21.63 -3.05 -13.76
CA ASP A 21 22.86 -3.78 -13.48
C ASP A 21 22.85 -4.33 -12.05
N ALA A 22 22.04 -3.75 -11.19
CA ALA A 22 21.97 -4.16 -9.79
C ALA A 22 21.01 -5.32 -9.57
N GLU A 23 20.27 -5.68 -10.61
CA GLU A 23 19.26 -6.74 -10.52
C GLU A 23 19.81 -8.05 -9.98
N PRO A 24 19.06 -8.69 -9.08
CA PRO A 24 19.41 -10.01 -8.55
C PRO A 24 19.13 -11.12 -9.56
N PRO A 25 19.80 -12.26 -9.43
CA PRO A 25 19.58 -13.38 -10.35
C PRO A 25 18.30 -14.14 -10.04
N ILE A 26 17.81 -14.91 -11.00
CA ILE A 26 16.68 -15.79 -10.77
C ILE A 26 17.17 -17.11 -10.19
N LEU A 27 16.81 -17.37 -8.93
CA LEU A 27 17.27 -18.56 -8.24
C LEU A 27 16.36 -19.76 -8.53
N TYR A 28 16.86 -20.95 -8.24
CA TYR A 28 16.06 -22.16 -8.37
C TYR A 28 15.56 -22.64 -7.02
N SER A 29 14.45 -23.36 -7.03
N SER A 29 14.44 -23.35 -7.02
CA SER A 29 13.92 -23.96 -5.81
CA SER A 29 13.92 -23.95 -5.80
C SER A 29 14.52 -25.34 -5.61
C SER A 29 14.53 -25.33 -5.60
N GLU A 30 14.43 -25.85 -4.38
CA GLU A 30 14.92 -27.18 -4.08
C GLU A 30 13.79 -28.19 -4.25
N TYR A 31 12.96 -27.95 -5.26
CA TYR A 31 11.80 -28.79 -5.54
C TYR A 31 12.18 -30.23 -5.84
N ASP A 32 11.61 -31.16 -5.08
CA ASP A 32 11.83 -32.59 -5.28
C ASP A 32 10.58 -33.26 -5.79
N PRO A 33 10.59 -33.67 -7.07
CA PRO A 33 9.42 -34.25 -7.72
C PRO A 33 9.23 -35.75 -7.44
N THR A 34 10.04 -36.30 -6.54
CA THR A 34 9.94 -37.72 -6.21
C THR A 34 8.83 -37.96 -5.19
N ARG A 35 8.41 -36.89 -4.52
CA ARG A 35 7.38 -36.99 -3.50
C ARG A 35 6.28 -35.96 -3.73
N PRO A 36 5.04 -36.30 -3.35
CA PRO A 36 3.91 -35.40 -3.54
C PRO A 36 3.96 -34.16 -2.64
N PHE A 37 3.14 -33.16 -2.96
CA PHE A 37 3.08 -31.94 -2.17
C PHE A 37 2.27 -32.11 -0.90
N SER A 38 2.80 -31.58 0.19
CA SER A 38 2.05 -31.42 1.42
C SER A 38 2.10 -29.95 1.80
N GLU A 39 1.36 -29.55 2.83
CA GLU A 39 1.42 -28.18 3.30
C GLU A 39 2.82 -27.83 3.74
N ALA A 40 3.46 -28.76 4.45
CA ALA A 40 4.81 -28.55 4.96
C ALA A 40 5.83 -28.50 3.83
N SER A 41 5.77 -29.47 2.92
CA SER A 41 6.73 -29.55 1.84
C SER A 41 6.65 -28.32 0.93
N MET A 42 5.42 -27.89 0.66
CA MET A 42 5.20 -26.68 -0.14
C MET A 42 5.73 -25.44 0.58
N MET A 43 5.41 -25.31 1.86
CA MET A 43 5.88 -24.18 2.65
C MET A 43 7.40 -24.22 2.82
N GLY A 44 7.96 -25.43 2.81
CA GLY A 44 9.39 -25.59 2.91
C GLY A 44 10.10 -25.07 1.67
N LEU A 45 9.53 -25.33 0.50
CA LEU A 45 10.10 -24.86 -0.75
C LEU A 45 10.10 -23.33 -0.81
N LEU A 46 8.97 -22.73 -0.45
CA LEU A 46 8.82 -21.28 -0.52
C LEU A 46 9.70 -20.58 0.51
N THR A 47 9.78 -21.15 1.71
CA THR A 47 10.61 -20.61 2.77
C THR A 47 12.08 -20.63 2.39
N ASN A 48 12.55 -21.80 1.96
CA ASN A 48 13.94 -21.97 1.55
C ASN A 48 14.33 -21.02 0.42
N LEU A 49 13.43 -20.88 -0.55
CA LEU A 49 13.65 -20.00 -1.69
C LEU A 49 13.75 -18.53 -1.27
N ALA A 50 12.77 -18.09 -0.48
CA ALA A 50 12.73 -16.72 0.02
C ALA A 50 13.98 -16.39 0.82
N ASP A 51 14.45 -17.34 1.61
CA ASP A 51 15.62 -17.14 2.44
C ASP A 51 16.87 -16.86 1.59
N ARG A 52 17.02 -17.61 0.51
CA ARG A 52 18.15 -17.41 -0.38
C ARG A 52 18.01 -16.12 -1.19
N GLU A 53 16.78 -15.76 -1.53
CA GLU A 53 16.53 -14.51 -2.25
C GLU A 53 16.84 -13.29 -1.38
N LEU A 54 16.60 -13.43 -0.09
CA LEU A 54 16.83 -12.33 0.86
C LEU A 54 18.29 -11.90 0.85
N VAL A 55 19.19 -12.86 0.79
CA VAL A 55 20.63 -12.57 0.78
C VAL A 55 20.99 -11.77 -0.46
N HIS A 56 20.41 -12.13 -1.60
CA HIS A 56 20.64 -11.39 -2.83
C HIS A 56 19.95 -10.03 -2.81
N MET A 57 18.83 -9.95 -2.10
CA MET A 57 18.10 -8.70 -1.99
C MET A 57 18.93 -7.66 -1.25
N ILE A 58 19.60 -8.12 -0.19
CA ILE A 58 20.40 -7.24 0.65
C ILE A 58 21.52 -6.60 -0.16
N ASN A 59 22.18 -7.41 -0.98
CA ASN A 59 23.26 -6.89 -1.82
C ASN A 59 22.74 -6.02 -2.96
N TRP A 60 21.51 -6.30 -3.40
CA TRP A 60 20.87 -5.46 -4.41
C TRP A 60 20.52 -4.10 -3.81
N ALA A 61 20.03 -4.10 -2.57
CA ALA A 61 19.62 -2.87 -1.91
C ALA A 61 20.80 -1.92 -1.75
N LYS A 62 21.98 -2.47 -1.53
CA LYS A 62 23.20 -1.68 -1.37
CA LYS A 62 23.18 -1.67 -1.36
C LYS A 62 23.59 -1.00 -2.67
N ARG A 63 23.12 -1.55 -3.79
CA ARG A 63 23.43 -1.00 -5.10
CA ARG A 63 23.44 -1.00 -5.10
C ARG A 63 22.36 -0.04 -5.59
N VAL A 64 21.30 0.13 -4.79
CA VAL A 64 20.26 1.09 -5.12
C VAL A 64 20.75 2.47 -4.70
N PRO A 65 20.81 3.41 -5.67
CA PRO A 65 21.34 4.76 -5.44
C PRO A 65 20.73 5.44 -4.22
N GLY A 66 21.59 5.90 -3.32
CA GLY A 66 21.15 6.63 -2.14
C GLY A 66 20.96 5.78 -0.90
N PHE A 67 20.90 4.46 -1.08
CA PHE A 67 20.61 3.56 0.04
C PHE A 67 21.78 3.44 1.00
N VAL A 68 22.99 3.43 0.47
CA VAL A 68 24.19 3.30 1.30
C VAL A 68 24.53 4.59 2.03
N ASP A 69 23.83 5.67 1.69
CA ASP A 69 24.02 6.94 2.37
C ASP A 69 23.33 6.95 3.73
N LEU A 70 22.43 5.98 3.94
CA LEU A 70 21.68 5.89 5.17
C LEU A 70 22.47 5.15 6.26
N THR A 71 22.09 5.37 7.52
CA THR A 71 22.71 4.64 8.62
C THR A 71 22.27 3.18 8.58
N LEU A 72 23.05 2.31 9.22
CA LEU A 72 22.73 0.90 9.27
C LEU A 72 21.35 0.66 9.86
N HIS A 73 21.00 1.44 10.87
CA HIS A 73 19.69 1.32 11.50
CA HIS A 73 19.68 1.37 11.52
C HIS A 73 18.58 1.67 10.51
N ASP A 74 18.82 2.64 9.64
CA ASP A 74 17.84 3.04 8.65
C ASP A 74 17.74 2.02 7.50
N GLN A 75 18.89 1.47 7.12
CA GLN A 75 18.93 0.43 6.10
C GLN A 75 18.21 -0.84 6.57
N VAL A 76 18.41 -1.18 7.85
CA VAL A 76 17.75 -2.34 8.43
C VAL A 76 16.25 -2.15 8.47
N HIS A 77 15.80 -0.95 8.85
CA HIS A 77 14.38 -0.64 8.93
C HIS A 77 13.66 -0.74 7.58
N LEU A 78 14.26 -0.16 6.55
CA LEU A 78 13.65 -0.16 5.22
C LEU A 78 13.50 -1.58 4.68
N LEU A 79 14.53 -2.40 4.87
CA LEU A 79 14.52 -3.77 4.39
C LEU A 79 13.54 -4.62 5.18
N GLU A 80 13.50 -4.39 6.50
CA GLU A 80 12.57 -5.11 7.36
C GLU A 80 11.12 -4.82 6.98
N CYS A 81 10.87 -3.59 6.54
CA CYS A 81 9.52 -3.17 6.21
C CYS A 81 9.06 -3.67 4.83
N ALA A 82 10.01 -3.77 3.90
CA ALA A 82 9.65 -3.96 2.50
C ALA A 82 10.03 -5.31 1.88
N TRP A 83 10.66 -6.19 2.66
CA TRP A 83 11.26 -7.39 2.06
C TRP A 83 10.25 -8.29 1.33
N LEU A 84 9.08 -8.49 1.92
CA LEU A 84 8.07 -9.34 1.29
C LEU A 84 7.43 -8.66 0.07
N GLU A 85 7.21 -7.34 0.17
CA GLU A 85 6.74 -6.57 -0.97
C GLU A 85 7.69 -6.75 -2.15
N ILE A 86 8.98 -6.63 -1.87
CA ILE A 86 10.02 -6.75 -2.88
C ILE A 86 10.05 -8.15 -3.49
N LEU A 87 9.88 -9.18 -2.66
CA LEU A 87 9.82 -10.55 -3.17
C LEU A 87 8.61 -10.74 -4.07
N MET A 88 7.48 -10.18 -3.64
CA MET A 88 6.22 -10.33 -4.37
C MET A 88 6.22 -9.62 -5.72
N ILE A 89 6.74 -8.40 -5.79
CA ILE A 89 6.74 -7.68 -7.06
C ILE A 89 7.71 -8.38 -8.03
N GLY A 90 8.74 -9.02 -7.49
CA GLY A 90 9.64 -9.82 -8.30
C GLY A 90 8.92 -11.04 -8.84
N LEU A 91 8.09 -11.64 -8.01
CA LEU A 91 7.32 -12.82 -8.40
C LEU A 91 6.30 -12.52 -9.48
N VAL A 92 5.58 -11.42 -9.32
CA VAL A 92 4.55 -11.07 -10.30
C VAL A 92 5.20 -10.60 -11.61
N TRP A 93 6.42 -10.08 -11.52
CA TRP A 93 7.14 -9.64 -12.70
C TRP A 93 7.57 -10.79 -13.60
N ARG A 94 8.14 -11.84 -12.99
CA ARG A 94 8.62 -12.97 -13.77
C ARG A 94 7.51 -13.95 -14.10
N SER A 95 6.31 -13.69 -13.56
CA SER A 95 5.15 -14.51 -13.85
C SER A 95 4.29 -13.92 -14.96
N MET A 96 4.65 -12.72 -15.42
CA MET A 96 3.89 -11.99 -16.44
C MET A 96 3.60 -12.82 -17.68
N GLU A 97 4.64 -13.44 -18.23
CA GLU A 97 4.51 -14.23 -19.45
C GLU A 97 4.02 -15.65 -19.16
N HIS A 98 3.38 -15.83 -18.01
CA HIS A 98 2.81 -17.12 -17.64
C HIS A 98 1.40 -16.94 -17.05
N PRO A 99 0.41 -16.73 -17.93
CA PRO A 99 -0.98 -16.52 -17.50
C PRO A 99 -1.53 -17.66 -16.64
N GLY A 100 -2.10 -17.31 -15.50
CA GLY A 100 -2.71 -18.28 -14.60
C GLY A 100 -1.71 -19.01 -13.72
N LYS A 101 -0.45 -18.61 -13.78
CA LYS A 101 0.60 -19.28 -13.01
C LYS A 101 1.54 -18.30 -12.33
N LEU A 102 2.15 -18.76 -11.24
CA LEU A 102 3.17 -17.97 -10.55
C LEU A 102 4.52 -18.66 -10.68
N LEU A 103 5.50 -17.94 -11.22
CA LEU A 103 6.83 -18.48 -11.42
C LEU A 103 7.74 -18.14 -10.24
N PHE A 104 7.69 -18.95 -9.19
CA PHE A 104 8.56 -18.75 -8.03
C PHE A 104 10.00 -19.01 -8.44
N ALA A 105 10.17 -20.01 -9.30
CA ALA A 105 11.47 -20.40 -9.84
C ALA A 105 11.22 -21.09 -11.18
N PRO A 106 12.24 -21.14 -12.06
CA PRO A 106 12.07 -21.82 -13.34
C PRO A 106 11.61 -23.27 -13.17
N ASN A 107 11.98 -23.89 -12.05
CA ASN A 107 11.57 -25.26 -11.76
C ASN A 107 10.45 -25.31 -10.71
N LEU A 108 9.82 -24.16 -10.46
CA LEU A 108 8.70 -24.08 -9.55
C LEU A 108 7.64 -23.13 -10.10
N LEU A 109 6.81 -23.64 -11.00
CA LEU A 109 5.74 -22.88 -11.62
C LEU A 109 4.39 -23.42 -11.15
N LEU A 110 3.66 -22.63 -10.36
CA LEU A 110 2.46 -23.12 -9.70
C LEU A 110 1.19 -22.39 -10.09
N ASP A 111 0.08 -23.11 -10.10
CA ASP A 111 -1.24 -22.51 -10.31
C ASP A 111 -2.01 -22.47 -8.99
N ARG A 112 -3.16 -21.81 -8.99
CA ARG A 112 -3.89 -21.56 -7.74
C ARG A 112 -4.36 -22.85 -7.05
N ASN A 113 -4.55 -23.92 -7.83
CA ASN A 113 -4.97 -25.19 -7.25
C ASN A 113 -3.87 -25.83 -6.43
N GLN A 114 -2.62 -25.55 -6.81
CA GLN A 114 -1.47 -26.03 -6.05
C GLN A 114 -1.24 -25.17 -4.82
N GLY A 115 -1.82 -23.97 -4.84
CA GLY A 115 -1.73 -23.07 -3.70
C GLY A 115 -2.65 -23.49 -2.58
N LYS A 116 -3.65 -24.30 -2.90
CA LYS A 116 -4.60 -24.80 -1.91
C LYS A 116 -3.97 -25.80 -0.97
N CYS A 117 -2.77 -26.25 -1.32
CA CYS A 117 -2.02 -27.19 -0.49
CA CYS A 117 -2.01 -27.19 -0.49
C CYS A 117 -1.72 -26.60 0.88
N VAL A 118 -1.60 -25.28 0.94
CA VAL A 118 -1.35 -24.58 2.18
C VAL A 118 -2.57 -23.73 2.56
N GLU A 119 -2.95 -23.80 3.83
CA GLU A 119 -4.14 -23.10 4.31
C GLU A 119 -4.00 -21.59 4.18
N GLY A 120 -4.95 -20.98 3.48
CA GLY A 120 -5.01 -19.53 3.37
C GLY A 120 -4.07 -18.91 2.35
N MET A 121 -3.41 -19.75 1.56
CA MET A 121 -2.43 -19.24 0.60
C MET A 121 -3.05 -18.94 -0.76
N VAL A 122 -4.13 -19.64 -1.11
CA VAL A 122 -4.76 -19.48 -2.41
C VAL A 122 -5.33 -18.06 -2.57
N GLU A 123 -5.70 -17.45 -1.45
CA GLU A 123 -6.22 -16.07 -1.48
C GLU A 123 -5.12 -15.11 -1.92
N ILE A 124 -3.92 -15.29 -1.38
CA ILE A 124 -2.78 -14.46 -1.76
C ILE A 124 -2.35 -14.78 -3.19
N PHE A 125 -2.42 -16.07 -3.53
CA PHE A 125 -2.06 -16.50 -4.88
CA PHE A 125 -2.11 -16.55 -4.88
C PHE A 125 -2.96 -15.84 -5.93
N ASP A 126 -4.26 -15.74 -5.65
CA ASP A 126 -5.19 -15.10 -6.57
C ASP A 126 -4.87 -13.62 -6.74
N MET A 127 -4.51 -12.97 -5.64
CA MET A 127 -4.12 -11.57 -5.68
C MET A 127 -2.84 -11.39 -6.49
N LEU A 128 -1.87 -12.27 -6.27
CA LEU A 128 -0.60 -12.21 -6.98
C LEU A 128 -0.81 -12.44 -8.47
N LEU A 129 -1.72 -13.35 -8.79
CA LEU A 129 -2.06 -13.63 -10.19
C LEU A 129 -2.75 -12.43 -10.83
N ALA A 130 -3.64 -11.79 -10.09
CA ALA A 130 -4.34 -10.61 -10.58
C ALA A 130 -3.38 -9.46 -10.83
N THR A 131 -2.38 -9.33 -9.96
CA THR A 131 -1.40 -8.26 -10.09
C THR A 131 -0.50 -8.52 -11.28
N SER A 132 -0.13 -9.79 -11.48
CA SER A 132 0.71 -10.18 -12.59
C SER A 132 -0.03 -9.92 -13.92
N SER A 133 -1.31 -10.26 -13.94
CA SER A 133 -2.16 -10.02 -15.09
C SER A 133 -2.29 -8.52 -15.37
N ARG A 134 -2.41 -7.73 -14.31
CA ARG A 134 -2.48 -6.28 -14.41
C ARG A 134 -1.23 -5.71 -15.07
N PHE A 135 -0.06 -6.20 -14.65
CA PHE A 135 1.20 -5.78 -15.24
C PHE A 135 1.28 -6.17 -16.72
N ARG A 136 0.76 -7.35 -17.04
CA ARG A 136 0.78 -7.86 -18.40
C ARG A 136 -0.11 -7.00 -19.30
N MET A 137 -1.26 -6.62 -18.78
CA MET A 137 -2.20 -5.76 -19.49
C MET A 137 -1.62 -4.38 -19.77
N MET A 138 -0.86 -3.85 -18.82
CA MET A 138 -0.24 -2.53 -18.95
C MET A 138 1.06 -2.59 -19.74
N ASN A 139 1.48 -3.80 -20.08
CA ASN A 139 2.75 -4.03 -20.76
CA ASN A 139 2.75 -4.01 -20.78
C ASN A 139 3.91 -3.37 -20.02
N LEU A 140 4.04 -3.72 -18.74
CA LEU A 140 5.09 -3.18 -17.89
C LEU A 140 6.47 -3.50 -18.46
N GLN A 141 7.32 -2.49 -18.56
CA GLN A 141 8.67 -2.66 -19.07
C GLN A 141 9.65 -2.94 -17.94
N GLY A 142 10.73 -3.65 -18.27
CA GLY A 142 11.75 -4.00 -17.29
C GLY A 142 12.39 -2.78 -16.64
N GLU A 143 12.54 -1.72 -17.41
CA GLU A 143 13.08 -0.47 -16.90
C GLU A 143 12.12 0.13 -15.87
N GLU A 144 10.83 0.01 -16.14
CA GLU A 144 9.80 0.51 -15.23
C GLU A 144 9.73 -0.33 -13.97
N PHE A 145 9.90 -1.64 -14.12
CA PHE A 145 9.84 -2.57 -13.00
C PHE A 145 10.91 -2.27 -11.96
N VAL A 146 12.16 -2.10 -12.40
CA VAL A 146 13.25 -1.89 -11.43
C VAL A 146 13.08 -0.55 -10.71
N CYS A 147 12.46 0.42 -11.37
CA CYS A 147 12.14 1.69 -10.72
C CYS A 147 11.12 1.48 -9.61
N LEU A 148 10.07 0.73 -9.92
CA LEU A 148 9.02 0.44 -8.95
C LEU A 148 9.55 -0.31 -7.74
N LYS A 149 10.43 -1.27 -7.98
CA LYS A 149 10.99 -2.09 -6.91
C LYS A 149 11.87 -1.24 -5.99
N SER A 150 12.57 -0.27 -6.57
CA SER A 150 13.42 0.62 -5.79
C SER A 150 12.58 1.62 -4.98
N ILE A 151 11.44 2.02 -5.54
CA ILE A 151 10.53 2.90 -4.84
C ILE A 151 9.99 2.21 -3.59
N ILE A 152 9.62 0.93 -3.74
CA ILE A 152 9.12 0.14 -2.61
C ILE A 152 10.13 0.06 -1.47
N LEU A 153 11.40 -0.18 -1.84
CA LEU A 153 12.47 -0.26 -0.85
C LEU A 153 12.63 1.03 -0.06
N LEU A 154 12.59 2.16 -0.76
CA LEU A 154 12.84 3.45 -0.14
C LEU A 154 11.60 4.04 0.54
N ASN A 155 10.41 3.70 0.04
CA ASN A 155 9.19 4.34 0.52
C ASN A 155 8.49 3.63 1.67
N SER A 156 8.43 2.31 1.63
CA SER A 156 7.55 1.54 2.51
C SER A 156 7.79 1.78 4.00
N GLY A 157 9.04 2.04 4.38
CA GLY A 157 9.36 2.26 5.78
C GLY A 157 9.77 3.68 6.11
N VAL A 158 9.53 4.61 5.19
CA VAL A 158 10.01 5.98 5.36
C VAL A 158 9.15 6.81 6.33
N TYR A 159 7.88 6.46 6.46
CA TYR A 159 6.98 7.21 7.32
C TYR A 159 7.09 6.76 8.77
N THR A 160 7.74 5.62 8.99
CA THR A 160 7.93 5.08 10.33
C THR A 160 9.33 5.36 10.88
N PHE A 161 9.95 6.43 10.41
CA PHE A 161 11.25 6.83 10.91
C PHE A 161 11.11 7.49 12.28
N LEU A 169 13.20 14.22 9.40
CA LEU A 169 14.55 14.42 9.90
C LEU A 169 15.52 14.79 8.78
N GLU A 170 16.81 14.63 9.04
CA GLU A 170 17.84 15.01 8.09
C GLU A 170 17.81 14.16 6.83
N GLU A 171 18.07 12.86 6.98
CA GLU A 171 18.16 11.96 5.83
C GLU A 171 16.78 11.43 5.41
N LYS A 172 15.74 11.81 6.15
CA LYS A 172 14.38 11.50 5.73
C LYS A 172 14.06 12.30 4.49
N ASP A 173 14.63 13.50 4.42
CA ASP A 173 14.51 14.37 3.25
C ASP A 173 15.39 13.85 2.12
N HIS A 174 16.46 13.15 2.48
CA HIS A 174 17.37 12.56 1.49
C HIS A 174 16.67 11.47 0.69
N ILE A 175 15.93 10.63 1.40
CA ILE A 175 15.16 9.56 0.76
C ILE A 175 14.17 10.13 -0.24
N HIS A 176 13.43 11.15 0.18
CA HIS A 176 12.43 11.76 -0.67
C HIS A 176 13.04 12.40 -1.92
N ARG A 177 14.27 12.89 -1.80
CA ARG A 177 14.99 13.42 -2.96
C ARG A 177 15.30 12.31 -3.95
N VAL A 178 15.75 11.17 -3.44
CA VAL A 178 16.04 10.02 -4.29
C VAL A 178 14.77 9.49 -4.93
N LEU A 179 13.69 9.47 -4.15
CA LEU A 179 12.39 9.04 -4.65
C LEU A 179 11.89 9.97 -5.77
N ASP A 180 12.12 11.27 -5.62
CA ASP A 180 11.75 12.23 -6.66
C ASP A 180 12.57 11.97 -7.92
N LYS A 181 13.82 11.56 -7.74
CA LYS A 181 14.70 11.24 -8.86
C LYS A 181 14.17 10.03 -9.63
N ILE A 182 13.67 9.03 -8.91
CA ILE A 182 13.14 7.84 -9.55
C ILE A 182 11.85 8.17 -10.29
N THR A 183 11.07 9.10 -9.72
CA THR A 183 9.89 9.62 -10.40
C THR A 183 10.27 10.27 -11.73
N ASP A 184 11.30 11.11 -11.69
CA ASP A 184 11.82 11.76 -12.90
C ASP A 184 12.22 10.71 -13.92
N THR A 185 12.83 9.63 -13.43
CA THR A 185 13.32 8.55 -14.28
C THR A 185 12.18 7.82 -14.98
N LEU A 186 11.12 7.53 -14.24
CA LEU A 186 9.94 6.86 -14.79
C LEU A 186 9.30 7.65 -15.91
N ILE A 187 9.05 8.94 -15.64
CA ILE A 187 8.47 9.82 -16.64
C ILE A 187 9.36 9.85 -17.88
N HIS A 188 10.66 9.96 -17.66
CA HIS A 188 11.64 9.94 -18.75
C HIS A 188 11.52 8.69 -19.61
N LEU A 189 11.31 7.54 -18.97
CA LEU A 189 11.16 6.28 -19.69
C LEU A 189 9.89 6.30 -20.54
N MET A 190 8.82 6.87 -19.99
CA MET A 190 7.54 6.91 -20.67
C MET A 190 7.55 7.91 -21.82
N ALA A 191 8.23 9.03 -21.62
CA ALA A 191 8.39 10.02 -22.66
C ALA A 191 9.20 9.44 -23.83
N LYS A 192 10.31 8.79 -23.49
CA LYS A 192 11.16 8.14 -24.47
CA LYS A 192 11.16 8.15 -24.48
C LYS A 192 10.40 7.05 -25.22
N ALA A 193 9.40 6.48 -24.56
CA ALA A 193 8.58 5.44 -25.16
C ALA A 193 7.51 6.02 -26.09
N GLY A 194 7.42 7.35 -26.12
CA GLY A 194 6.53 8.03 -27.04
C GLY A 194 5.13 8.31 -26.52
N LEU A 195 4.94 8.15 -25.21
CA LEU A 195 3.64 8.41 -24.60
C LEU A 195 3.39 9.91 -24.51
N THR A 196 2.14 10.33 -24.75
CA THR A 196 1.80 11.74 -24.64
C THR A 196 1.94 12.20 -23.20
N LEU A 197 1.97 13.51 -23.00
CA LEU A 197 2.15 14.08 -21.67
C LEU A 197 1.06 13.62 -20.71
N GLN A 198 -0.17 13.61 -21.19
CA GLN A 198 -1.31 13.15 -20.39
C GLN A 198 -1.17 11.69 -20.03
N GLN A 199 -0.76 10.88 -21.01
CA GLN A 199 -0.56 9.46 -20.81
C GLN A 199 0.54 9.17 -19.80
N GLN A 200 1.49 10.10 -19.70
CA GLN A 200 2.61 9.94 -18.78
C GLN A 200 2.18 10.05 -17.31
N HIS A 201 1.34 11.03 -17.01
N HIS A 201 1.32 11.00 -16.98
CA HIS A 201 0.82 11.20 -15.66
CA HIS A 201 0.91 11.13 -15.59
C HIS A 201 -0.02 9.98 -15.31
C HIS A 201 -0.17 10.11 -15.23
N GLN A 202 -0.90 9.64 -16.24
CA GLN A 202 -1.88 8.57 -16.04
C GLN A 202 -1.22 7.23 -15.76
N ARG A 203 -0.16 6.93 -16.52
CA ARG A 203 0.56 5.68 -16.34
C ARG A 203 1.36 5.69 -15.03
N LEU A 204 1.96 6.84 -14.71
CA LEU A 204 2.66 7.01 -13.44
C LEU A 204 1.74 6.70 -12.28
N ALA A 205 0.53 7.27 -12.33
CA ALA A 205 -0.47 7.04 -11.30
C ALA A 205 -0.86 5.57 -11.22
N GLN A 206 -1.11 4.97 -12.37
CA GLN A 206 -1.52 3.56 -12.44
C GLN A 206 -0.50 2.63 -11.79
N LEU A 207 0.77 2.83 -12.10
CA LEU A 207 1.83 1.99 -11.56
C LEU A 207 1.96 2.15 -10.05
N LEU A 208 1.84 3.38 -9.57
CA LEU A 208 2.01 3.67 -8.16
C LEU A 208 0.82 3.19 -7.32
N LEU A 209 -0.38 3.27 -7.90
CA LEU A 209 -1.56 2.73 -7.23
C LEU A 209 -1.47 1.21 -7.06
N ILE A 210 -0.72 0.56 -7.96
CA ILE A 210 -0.51 -0.88 -7.85
C ILE A 210 0.37 -1.20 -6.64
N LEU A 211 1.24 -0.27 -6.26
CA LEU A 211 2.09 -0.46 -5.09
C LEU A 211 1.28 -0.58 -3.82
N SER A 212 0.11 0.06 -3.80
CA SER A 212 -0.79 -0.03 -2.66
CA SER A 212 -0.80 -0.02 -2.67
C SER A 212 -1.33 -1.45 -2.53
N HIS A 213 -1.58 -2.10 -3.66
N HIS A 213 -1.57 -2.08 -3.66
CA HIS A 213 -2.07 -3.47 -3.66
CA HIS A 213 -2.05 -3.47 -3.69
C HIS A 213 -0.95 -4.43 -3.28
C HIS A 213 -0.95 -4.42 -3.26
N ILE A 214 0.29 -4.06 -3.60
CA ILE A 214 1.45 -4.87 -3.25
C ILE A 214 1.69 -4.78 -1.74
N ARG A 215 1.49 -3.59 -1.18
CA ARG A 215 1.54 -3.43 0.28
C ARG A 215 0.48 -4.31 0.92
N HIS A 216 -0.73 -4.27 0.36
CA HIS A 216 -1.85 -5.07 0.85
C HIS A 216 -1.53 -6.56 0.87
N MET A 217 -1.03 -7.07 -0.25
CA MET A 217 -0.69 -8.50 -0.36
C MET A 217 0.40 -8.89 0.63
N SER A 218 1.37 -8.00 0.83
CA SER A 218 2.45 -8.24 1.78
C SER A 218 1.93 -8.34 3.20
N ASN A 219 1.09 -7.40 3.60
CA ASN A 219 0.47 -7.41 4.93
C ASN A 219 -0.31 -8.70 5.18
N LYS A 220 -1.12 -9.10 4.20
CA LYS A 220 -1.90 -10.33 4.31
C LYS A 220 -0.99 -11.55 4.35
N GLY A 221 0.08 -11.51 3.55
CA GLY A 221 1.05 -12.59 3.54
C GLY A 221 1.80 -12.70 4.85
N MET A 222 2.23 -11.56 5.38
CA MET A 222 2.96 -11.52 6.65
C MET A 222 2.11 -12.09 7.77
N GLU A 223 0.82 -11.75 7.73
CA GLU A 223 -0.14 -12.17 8.74
C GLU A 223 -0.23 -13.69 8.82
N HIS A 224 -0.26 -14.33 7.66
CA HIS A 224 -0.32 -15.79 7.61
C HIS A 224 1.03 -16.42 7.91
N LEU A 225 2.12 -15.69 7.63
CA LEU A 225 3.45 -16.20 7.91
C LEU A 225 3.71 -16.26 9.42
N TYR A 226 3.02 -15.41 10.18
CA TYR A 226 3.05 -15.52 11.64
C TYR A 226 2.48 -16.87 12.05
N SER A 227 1.27 -17.14 11.57
CA SER A 227 0.50 -18.31 11.98
C SER A 227 1.17 -19.63 11.58
N MET A 228 1.81 -19.64 10.41
CA MET A 228 2.55 -20.82 9.97
C MET A 228 3.70 -21.10 10.92
N LYS A 229 4.39 -20.05 11.34
CA LYS A 229 5.45 -20.15 12.34
C LYS A 229 4.87 -20.58 13.69
N CYS A 230 3.71 -20.03 14.04
CA CYS A 230 3.07 -20.31 15.32
C CYS A 230 2.37 -21.67 15.34
N LYS A 231 2.37 -22.34 14.20
CA LYS A 231 1.83 -23.69 14.13
C LYS A 231 2.93 -24.69 13.76
N ASN A 232 4.17 -24.20 13.75
CA ASN A 232 5.35 -25.02 13.50
C ASN A 232 5.24 -25.90 12.25
N VAL A 233 4.88 -25.28 11.13
CA VAL A 233 4.73 -26.02 9.87
C VAL A 233 6.10 -26.34 9.28
N VAL A 234 6.97 -25.34 9.24
CA VAL A 234 8.32 -25.51 8.72
C VAL A 234 9.32 -24.70 9.53
N PRO A 235 10.57 -25.19 9.61
CA PRO A 235 11.63 -24.42 10.28
C PRO A 235 12.02 -23.19 9.46
N LEU A 236 12.01 -22.03 10.11
CA LEU A 236 12.41 -20.80 9.45
C LEU A 236 13.84 -20.45 9.83
N SER A 237 14.62 -19.94 8.87
CA SER A 237 15.98 -19.51 9.15
C SER A 237 15.95 -18.36 10.15
N ASP A 238 17.05 -18.17 10.86
CA ASP A 238 17.13 -17.14 11.89
C ASP A 238 16.91 -15.75 11.28
N LEU A 239 17.46 -15.55 10.08
CA LEU A 239 17.26 -14.30 9.35
C LEU A 239 15.77 -14.07 9.07
N LEU A 240 15.14 -15.09 8.48
CA LEU A 240 13.73 -15.01 8.15
C LEU A 240 12.89 -14.79 9.40
N LEU A 241 13.27 -15.43 10.50
CA LEU A 241 12.62 -15.23 11.78
C LEU A 241 12.67 -13.76 12.19
N GLU A 242 13.85 -13.16 12.10
CA GLU A 242 14.03 -11.77 12.49
C GLU A 242 13.32 -10.79 11.56
N MET A 243 13.27 -11.12 10.27
CA MET A 243 12.51 -10.30 9.31
C MET A 243 11.02 -10.33 9.65
N LEU A 244 10.53 -11.52 9.97
CA LEU A 244 9.14 -11.70 10.36
CA LEU A 244 9.14 -11.71 10.37
C LEU A 244 8.85 -11.03 11.71
N ASP A 245 9.85 -11.03 12.57
CA ASP A 245 9.70 -10.43 13.90
CA ASP A 245 9.75 -10.44 13.90
C ASP A 245 9.85 -8.91 13.90
N ALA A 246 9.81 -8.32 12.71
CA ALA A 246 9.84 -6.86 12.60
C ALA A 246 8.45 -6.30 12.35
N HIS A 247 7.51 -7.18 12.04
CA HIS A 247 6.18 -6.76 11.56
C HIS A 247 4.95 -6.75 12.50
N ARG A 248 4.69 -7.71 13.41
CA ARG A 248 5.48 -8.90 13.76
C ARG A 248 4.74 -9.99 14.57
N LEU A 249 3.94 -9.73 15.63
CA LEU A 249 3.32 -8.49 16.14
C LEU A 249 2.24 -7.98 15.16
N HIS A 250 1.21 -7.28 15.65
CA HIS A 250 1.12 -6.83 17.04
C HIS A 250 -0.13 -7.31 17.76
N ALA A 251 -1.08 -7.88 17.03
CA ALA A 251 -2.35 -8.31 17.61
C ALA A 251 -2.19 -9.53 18.52
N SER B 5 -20.50 7.37 -17.28
CA SER B 5 -20.93 8.18 -18.41
C SER B 5 -20.74 9.66 -18.14
N LEU B 6 -21.59 10.21 -17.27
CA LEU B 6 -21.53 11.62 -16.91
C LEU B 6 -20.24 11.96 -16.18
N ALA B 7 -19.72 10.98 -15.43
CA ALA B 7 -18.48 11.15 -14.68
C ALA B 7 -17.30 11.35 -15.63
N LEU B 8 -17.34 10.66 -16.76
CA LEU B 8 -16.28 10.74 -17.77
C LEU B 8 -16.35 12.05 -18.54
N SER B 9 -17.49 12.73 -18.45
CA SER B 9 -17.72 13.96 -19.21
C SER B 9 -17.45 15.21 -18.37
N LEU B 10 -17.26 15.02 -17.07
CA LEU B 10 -16.99 16.14 -16.17
C LEU B 10 -15.65 16.81 -16.50
N THR B 11 -15.58 18.12 -16.30
CA THR B 11 -14.33 18.85 -16.44
C THR B 11 -13.52 18.72 -15.16
N ALA B 12 -12.28 19.19 -15.20
CA ALA B 12 -11.39 19.14 -14.04
C ALA B 12 -11.97 19.92 -12.86
N ASP B 13 -12.47 21.11 -13.13
CA ASP B 13 -13.06 21.94 -12.08
C ASP B 13 -14.39 21.38 -11.61
N GLN B 14 -15.12 20.74 -12.52
CA GLN B 14 -16.38 20.10 -12.17
C GLN B 14 -16.14 18.91 -11.26
N MET B 15 -15.05 18.20 -11.51
CA MET B 15 -14.65 17.07 -10.67
C MET B 15 -14.37 17.55 -9.25
N VAL B 16 -13.54 18.58 -9.14
CA VAL B 16 -13.20 19.19 -7.86
C VAL B 16 -14.45 19.63 -7.09
N SER B 17 -15.29 20.42 -7.76
CA SER B 17 -16.48 20.98 -7.13
C SER B 17 -17.46 19.88 -6.71
N ALA B 18 -17.57 18.85 -7.54
CA ALA B 18 -18.45 17.72 -7.23
C ALA B 18 -17.98 16.97 -5.98
N LEU B 19 -16.67 16.81 -5.85
CA LEU B 19 -16.11 16.12 -4.70
C LEU B 19 -16.16 16.98 -3.44
N LEU B 20 -15.97 18.29 -3.62
CA LEU B 20 -16.04 19.23 -2.51
C LEU B 20 -17.43 19.27 -1.90
N ASP B 21 -18.44 19.30 -2.76
CA ASP B 21 -19.83 19.34 -2.31
C ASP B 21 -20.26 18.01 -1.71
N ALA B 22 -19.57 16.94 -2.08
CA ALA B 22 -19.90 15.60 -1.60
C ALA B 22 -19.28 15.32 -0.24
N GLU B 23 -18.42 16.22 0.23
CA GLU B 23 -17.72 16.03 1.49
C GLU B 23 -18.66 15.80 2.67
N PRO B 24 -18.40 14.73 3.45
CA PRO B 24 -19.19 14.44 4.64
C PRO B 24 -18.89 15.44 5.75
N PRO B 25 -19.82 15.59 6.72
CA PRO B 25 -19.62 16.50 7.85
C PRO B 25 -18.62 15.98 8.88
N ILE B 26 -18.13 16.88 9.72
CA ILE B 26 -17.25 16.49 10.83
C ILE B 26 -18.10 16.21 12.06
N LEU B 27 -18.20 14.94 12.44
CA LEU B 27 -19.09 14.54 13.52
C LEU B 27 -18.43 14.70 14.89
N TYR B 28 -19.25 14.92 15.91
CA TYR B 28 -18.78 14.97 17.29
C TYR B 28 -18.87 13.60 17.93
N SER B 29 -18.08 13.39 18.99
CA SER B 29 -18.18 12.16 19.76
C SER B 29 -19.05 12.40 20.98
N GLU B 30 -19.39 11.33 21.69
CA GLU B 30 -20.24 11.43 22.87
C GLU B 30 -19.45 11.91 24.10
N TYR B 31 -18.14 12.10 23.90
CA TYR B 31 -17.20 12.40 24.97
C TYR B 31 -17.66 13.50 25.94
N ASP B 32 -17.35 13.30 27.23
CA ASP B 32 -17.70 14.27 28.26
C ASP B 32 -16.50 14.56 29.15
N PHE B 37 -9.88 8.46 30.94
CA PHE B 37 -10.75 7.33 31.21
C PHE B 37 -10.09 6.01 30.79
N SER B 38 -10.88 4.95 30.74
CA SER B 38 -10.34 3.59 30.58
C SER B 38 -10.16 3.16 29.13
N GLU B 39 -9.89 1.87 28.94
CA GLU B 39 -9.69 1.28 27.62
C GLU B 39 -11.03 0.98 26.95
N ALA B 40 -12.03 0.64 27.76
CA ALA B 40 -13.36 0.37 27.25
C ALA B 40 -14.03 1.67 26.82
N SER B 41 -13.78 2.74 27.57
CA SER B 41 -14.34 4.05 27.27
C SER B 41 -13.67 4.66 26.03
N MET B 42 -12.37 4.42 25.90
CA MET B 42 -11.61 4.92 24.75
C MET B 42 -12.09 4.26 23.47
N MET B 43 -12.14 2.93 23.48
CA MET B 43 -12.61 2.16 22.33
C MET B 43 -14.08 2.43 22.05
N GLY B 44 -14.85 2.66 23.11
CA GLY B 44 -16.27 2.93 22.97
C GLY B 44 -16.55 4.19 22.17
N LEU B 45 -15.79 5.24 22.44
CA LEU B 45 -15.96 6.51 21.74
C LEU B 45 -15.53 6.38 20.28
N LEU B 46 -14.42 5.70 20.04
CA LEU B 46 -13.88 5.55 18.69
C LEU B 46 -14.83 4.74 17.80
N THR B 47 -15.34 3.64 18.34
CA THR B 47 -16.25 2.78 17.57
C THR B 47 -17.60 3.46 17.32
N ASN B 48 -18.15 4.11 18.34
CA ASN B 48 -19.39 4.85 18.16
C ASN B 48 -19.23 5.92 17.10
N LEU B 49 -18.10 6.62 17.14
CA LEU B 49 -17.78 7.64 16.15
C LEU B 49 -17.66 7.05 14.75
N ALA B 50 -16.84 6.01 14.63
CA ALA B 50 -16.61 5.36 13.34
C ALA B 50 -17.91 4.85 12.72
N ASP B 51 -18.79 4.31 13.56
CA ASP B 51 -20.06 3.77 13.09
C ASP B 51 -20.94 4.85 12.48
N ARG B 52 -20.97 6.03 13.11
CA ARG B 52 -21.75 7.13 12.58
C ARG B 52 -21.10 7.70 11.32
N GLU B 53 -19.77 7.66 11.26
CA GLU B 53 -19.06 8.13 10.08
C GLU B 53 -19.28 7.21 8.88
N LEU B 54 -19.44 5.91 9.15
CA LEU B 54 -19.67 4.94 8.09
C LEU B 54 -20.97 5.22 7.34
N VAL B 55 -21.99 5.67 8.07
CA VAL B 55 -23.27 5.99 7.46
C VAL B 55 -23.12 7.13 6.45
N HIS B 56 -22.38 8.16 6.85
CA HIS B 56 -22.13 9.30 5.96
C HIS B 56 -21.22 8.92 4.80
N MET B 57 -20.27 8.02 5.07
CA MET B 57 -19.34 7.57 4.04
C MET B 57 -20.07 6.87 2.90
N ILE B 58 -21.05 6.06 3.26
CA ILE B 58 -21.84 5.33 2.27
C ILE B 58 -22.55 6.29 1.34
N ASN B 59 -23.18 7.32 1.90
CA ASN B 59 -23.87 8.31 1.09
C ASN B 59 -22.89 9.23 0.36
N TRP B 60 -21.70 9.42 0.93
CA TRP B 60 -20.66 10.16 0.24
C TRP B 60 -20.16 9.39 -0.98
N ALA B 61 -20.00 8.08 -0.82
CA ALA B 61 -19.51 7.24 -1.91
C ALA B 61 -20.43 7.28 -3.11
N LYS B 62 -21.73 7.36 -2.84
CA LYS B 62 -22.74 7.42 -3.89
C LYS B 62 -22.66 8.73 -4.68
N ARG B 63 -21.97 9.71 -4.12
CA ARG B 63 -21.84 11.02 -4.77
C ARG B 63 -20.48 11.16 -5.46
N VAL B 64 -19.62 10.16 -5.30
CA VAL B 64 -18.37 10.13 -6.05
C VAL B 64 -18.67 9.74 -7.49
N PRO B 65 -18.29 10.61 -8.45
CA PRO B 65 -18.56 10.42 -9.87
C PRO B 65 -18.12 9.05 -10.39
N GLY B 66 -19.06 8.30 -10.94
CA GLY B 66 -18.76 7.01 -11.53
C GLY B 66 -19.04 5.82 -10.61
N PHE B 67 -19.25 6.10 -9.34
CA PHE B 67 -19.43 5.05 -8.35
C PHE B 67 -20.81 4.39 -8.48
N VAL B 68 -21.83 5.18 -8.80
CA VAL B 68 -23.18 4.67 -8.92
C VAL B 68 -23.38 3.92 -10.23
N ASP B 69 -22.44 4.10 -11.15
CA ASP B 69 -22.47 3.37 -12.42
C ASP B 69 -22.10 1.91 -12.22
N LEU B 70 -21.53 1.61 -11.06
CA LEU B 70 -21.10 0.24 -10.76
C LEU B 70 -22.25 -0.58 -10.17
N THR B 71 -22.15 -1.90 -10.30
CA THR B 71 -23.14 -2.79 -9.71
C THR B 71 -23.11 -2.67 -8.19
N LEU B 72 -24.22 -3.01 -7.55
CA LEU B 72 -24.30 -2.97 -6.09
C LEU B 72 -23.29 -3.92 -5.47
N HIS B 73 -22.98 -5.00 -6.17
CA HIS B 73 -22.00 -5.97 -5.70
C HIS B 73 -20.62 -5.34 -5.60
N ASP B 74 -20.24 -4.60 -6.63
CA ASP B 74 -18.94 -3.95 -6.67
C ASP B 74 -18.87 -2.79 -5.68
N GLN B 75 -19.95 -2.03 -5.58
CA GLN B 75 -20.03 -0.91 -4.64
C GLN B 75 -19.83 -1.40 -3.21
N VAL B 76 -20.46 -2.53 -2.88
CA VAL B 76 -20.30 -3.16 -1.57
C VAL B 76 -18.85 -3.59 -1.35
N HIS B 77 -18.28 -4.23 -2.37
CA HIS B 77 -16.91 -4.70 -2.29
C HIS B 77 -15.91 -3.56 -2.05
N LEU B 78 -16.03 -2.50 -2.83
CA LEU B 78 -15.13 -1.36 -2.72
C LEU B 78 -15.15 -0.73 -1.33
N LEU B 79 -16.35 -0.55 -0.79
CA LEU B 79 -16.52 0.05 0.54
C LEU B 79 -16.04 -0.88 1.64
N GLU B 80 -16.27 -2.18 1.48
CA GLU B 80 -15.78 -3.16 2.44
C GLU B 80 -14.25 -3.14 2.53
N CYS B 81 -13.61 -2.94 1.37
CA CYS B 81 -12.15 -2.94 1.32
C CYS B 81 -11.54 -1.64 1.82
N ALA B 82 -12.21 -0.52 1.57
CA ALA B 82 -11.58 0.79 1.75
C ALA B 82 -12.09 1.61 2.94
N TRP B 83 -13.07 1.11 3.68
CA TRP B 83 -13.74 1.95 4.68
C TRP B 83 -12.80 2.49 5.76
N LEU B 84 -11.88 1.66 6.24
CA LEU B 84 -10.96 2.11 7.28
C LEU B 84 -9.90 3.05 6.71
N GLU B 85 -9.47 2.80 5.47
CA GLU B 85 -8.55 3.71 4.79
C GLU B 85 -9.17 5.10 4.68
N ILE B 86 -10.45 5.13 4.35
CA ILE B 86 -11.17 6.38 4.15
C ILE B 86 -11.32 7.12 5.46
N LEU B 87 -11.68 6.39 6.52
CA LEU B 87 -11.74 6.97 7.86
C LEU B 87 -10.39 7.54 8.28
N MET B 88 -9.32 6.78 8.04
CA MET B 88 -7.98 7.19 8.46
C MET B 88 -7.48 8.43 7.74
N ILE B 89 -7.69 8.51 6.43
CA ILE B 89 -7.20 9.67 5.68
C ILE B 89 -8.02 10.90 6.04
N GLY B 90 -9.26 10.69 6.47
CA GLY B 90 -10.08 11.77 6.98
C GLY B 90 -9.52 12.26 8.30
N LEU B 91 -9.13 11.32 9.14
CA LEU B 91 -8.54 11.63 10.44
C LEU B 91 -7.25 12.43 10.32
N VAL B 92 -6.33 11.99 9.47
CA VAL B 92 -5.05 12.67 9.32
C VAL B 92 -5.24 14.03 8.67
N TRP B 93 -6.27 14.17 7.85
CA TRP B 93 -6.55 15.44 7.18
C TRP B 93 -6.96 16.53 8.16
N ARG B 94 -7.89 16.22 9.06
CA ARG B 94 -8.35 17.22 10.00
C ARG B 94 -7.37 17.37 11.16
N SER B 95 -6.41 16.46 11.26
CA SER B 95 -5.37 16.54 12.28
C SER B 95 -4.14 17.32 11.81
N MET B 96 -4.19 17.80 10.57
CA MET B 96 -3.04 18.47 9.96
C MET B 96 -2.55 19.67 10.76
N GLU B 97 -3.46 20.54 11.16
CA GLU B 97 -3.11 21.77 11.84
C GLU B 97 -2.88 21.57 13.35
N HIS B 98 -2.87 20.32 13.78
CA HIS B 98 -2.64 20.01 15.19
C HIS B 98 -1.49 19.02 15.36
N PRO B 99 -0.25 19.52 15.24
CA PRO B 99 0.97 18.69 15.32
C PRO B 99 1.01 17.84 16.59
N GLY B 100 1.27 16.54 16.42
CA GLY B 100 1.36 15.63 17.54
C GLY B 100 0.01 15.24 18.11
N LYS B 101 -1.06 15.68 17.46
CA LYS B 101 -2.41 15.43 17.94
C LYS B 101 -3.31 14.82 16.86
N LEU B 102 -4.22 13.95 17.28
CA LEU B 102 -5.20 13.36 16.37
C LEU B 102 -6.60 13.89 16.64
N LEU B 103 -7.16 14.60 15.67
CA LEU B 103 -8.49 15.18 15.80
C LEU B 103 -9.57 14.21 15.32
N PHE B 104 -9.89 13.22 16.14
CA PHE B 104 -10.98 12.31 15.84
C PHE B 104 -12.28 13.09 15.73
N ALA B 105 -12.48 14.00 16.67
CA ALA B 105 -13.64 14.89 16.67
C ALA B 105 -13.21 16.24 17.24
N PRO B 106 -13.94 17.32 16.90
CA PRO B 106 -13.62 18.65 17.42
C PRO B 106 -13.54 18.69 18.95
N ASN B 107 -14.26 17.79 19.61
CA ASN B 107 -14.23 17.70 21.07
C ASN B 107 -13.40 16.51 21.54
N LEU B 108 -12.81 15.81 20.59
CA LEU B 108 -11.99 14.65 20.90
C LEU B 108 -10.62 14.76 20.23
N LEU B 109 -9.75 15.55 20.83
CA LEU B 109 -8.39 15.74 20.34
C LEU B 109 -7.42 14.96 21.21
N LEU B 110 -6.80 13.92 20.63
CA LEU B 110 -5.94 13.02 21.39
C LEU B 110 -4.48 13.08 20.94
N ASP B 111 -3.57 13.04 21.91
CA ASP B 111 -2.14 12.92 21.64
C ASP B 111 -1.75 11.45 21.73
N ARG B 112 -0.50 11.15 21.38
CA ARG B 112 -0.05 9.76 21.30
C ARG B 112 -0.05 9.05 22.65
N ASN B 113 0.08 9.83 23.73
CA ASN B 113 0.11 9.24 25.07
C ASN B 113 -1.26 8.67 25.45
N GLN B 114 -2.31 9.29 24.93
CA GLN B 114 -3.66 8.83 25.18
C GLN B 114 -3.97 7.60 24.32
N GLY B 115 -3.06 7.28 23.40
CA GLY B 115 -3.18 6.10 22.57
C GLY B 115 -2.57 4.88 23.23
N LYS B 116 -1.85 5.10 24.33
CA LYS B 116 -1.25 4.00 25.08
C LYS B 116 -2.28 3.36 26.00
N CYS B 117 -3.44 4.00 26.11
CA CYS B 117 -4.54 3.50 26.94
C CYS B 117 -5.04 2.15 26.44
N VAL B 118 -5.07 1.99 25.12
CA VAL B 118 -5.47 0.73 24.51
C VAL B 118 -4.26 -0.01 23.95
N GLU B 119 -4.16 -1.30 24.25
CA GLU B 119 -3.03 -2.11 23.85
C GLU B 119 -2.87 -2.19 22.33
N GLY B 120 -1.73 -1.72 21.84
CA GLY B 120 -1.40 -1.81 20.43
C GLY B 120 -1.86 -0.63 19.59
N MET B 121 -2.55 0.32 20.21
CA MET B 121 -3.11 1.45 19.47
C MET B 121 -2.11 2.57 19.28
N VAL B 122 -1.12 2.65 20.17
CA VAL B 122 -0.13 3.72 20.10
C VAL B 122 0.74 3.57 18.84
N GLU B 123 0.93 2.34 18.38
CA GLU B 123 1.69 2.08 17.17
C GLU B 123 0.96 2.65 15.95
N ILE B 124 -0.36 2.47 15.92
CA ILE B 124 -1.17 3.00 14.83
C ILE B 124 -1.24 4.52 14.92
N PHE B 125 -1.38 5.03 16.13
CA PHE B 125 -1.42 6.48 16.34
C PHE B 125 -0.17 7.17 15.80
N ASP B 126 0.99 6.58 16.07
CA ASP B 126 2.25 7.14 15.59
C ASP B 126 2.31 7.17 14.07
N MET B 127 1.82 6.10 13.44
CA MET B 127 1.81 6.04 11.99
C MET B 127 0.86 7.08 11.41
N LEU B 128 -0.28 7.27 12.07
CA LEU B 128 -1.25 8.28 11.64
C LEU B 128 -0.68 9.69 11.81
N LEU B 129 -0.02 9.92 12.94
CA LEU B 129 0.58 11.23 13.21
C LEU B 129 1.68 11.55 12.21
N ALA B 130 2.50 10.55 11.90
CA ALA B 130 3.56 10.73 10.91
C ALA B 130 2.96 11.06 9.54
N THR B 131 1.83 10.43 9.23
CA THR B 131 1.13 10.70 7.98
C THR B 131 0.62 12.13 7.97
N SER B 132 0.05 12.56 9.08
CA SER B 132 -0.48 13.91 9.23
C SER B 132 0.64 14.94 9.08
N SER B 133 1.79 14.67 9.69
CA SER B 133 2.93 15.57 9.61
CA SER B 133 2.93 15.57 9.61
C SER B 133 3.47 15.62 8.19
N ARG B 134 3.36 14.51 7.47
CA ARG B 134 3.77 14.44 6.07
C ARG B 134 2.86 15.29 5.20
N PHE B 135 1.57 15.26 5.50
CA PHE B 135 0.60 16.11 4.81
C PHE B 135 0.88 17.58 5.11
N ARG B 136 1.29 17.85 6.34
CA ARG B 136 1.58 19.23 6.77
C ARG B 136 2.78 19.78 6.02
N MET B 137 3.83 18.98 5.90
CA MET B 137 5.05 19.42 5.23
C MET B 137 4.87 19.57 3.72
N MET B 138 3.94 18.81 3.15
CA MET B 138 3.65 18.90 1.72
C MET B 138 2.66 20.03 1.44
N ASN B 139 2.12 20.61 2.51
CA ASN B 139 1.06 21.61 2.40
C ASN B 139 -0.11 21.08 1.58
N LEU B 140 -0.60 19.91 1.96
CA LEU B 140 -1.72 19.27 1.26
C LEU B 140 -2.94 20.18 1.25
N GLN B 141 -3.50 20.38 0.06
CA GLN B 141 -4.68 21.23 -0.10
C GLN B 141 -5.96 20.41 -0.06
N GLY B 142 -7.06 21.06 0.30
CA GLY B 142 -8.35 20.41 0.39
C GLY B 142 -8.82 19.79 -0.91
N GLU B 143 -8.49 20.43 -2.02
CA GLU B 143 -8.86 19.93 -3.34
C GLU B 143 -8.09 18.65 -3.66
N GLU B 144 -6.86 18.56 -3.18
CA GLU B 144 -6.05 17.37 -3.39
C GLU B 144 -6.55 16.22 -2.53
N PHE B 145 -6.88 16.54 -1.29
CA PHE B 145 -7.37 15.55 -0.33
C PHE B 145 -8.60 14.80 -0.84
N VAL B 146 -9.58 15.52 -1.37
CA VAL B 146 -10.81 14.89 -1.83
C VAL B 146 -10.53 14.01 -3.05
N CYS B 147 -9.50 14.34 -3.82
CA CYS B 147 -9.10 13.50 -4.93
C CYS B 147 -8.45 12.22 -4.43
N LEU B 148 -7.63 12.34 -3.38
CA LEU B 148 -6.95 11.18 -2.81
C LEU B 148 -7.92 10.21 -2.18
N LYS B 149 -8.95 10.75 -1.53
CA LYS B 149 -9.94 9.91 -0.85
C LYS B 149 -10.80 9.15 -1.85
N SER B 150 -11.16 9.80 -2.96
CA SER B 150 -11.91 9.14 -4.01
C SER B 150 -11.09 8.06 -4.71
N ILE B 151 -9.79 8.33 -4.84
CA ILE B 151 -8.87 7.35 -5.43
C ILE B 151 -8.83 6.09 -4.57
N ILE B 152 -8.74 6.29 -3.26
CA ILE B 152 -8.72 5.19 -2.30
C ILE B 152 -9.95 4.29 -2.42
N LEU B 153 -11.12 4.92 -2.51
CA LEU B 153 -12.39 4.22 -2.65
C LEU B 153 -12.40 3.33 -3.89
N LEU B 154 -11.98 3.90 -5.02
CA LEU B 154 -12.06 3.21 -6.30
C LEU B 154 -10.90 2.24 -6.54
N ASN B 155 -9.76 2.50 -5.91
CA ASN B 155 -8.56 1.68 -6.17
C ASN B 155 -8.43 0.47 -5.25
N SER B 156 -8.76 0.63 -3.98
CA SER B 156 -8.42 -0.36 -2.96
C SER B 156 -9.14 -1.70 -3.09
N GLY B 157 -10.06 -1.80 -4.04
CA GLY B 157 -10.79 -3.04 -4.24
C GLY B 157 -10.88 -3.47 -5.70
N VAL B 158 -10.37 -2.62 -6.59
CA VAL B 158 -10.41 -2.90 -8.03
C VAL B 158 -9.56 -4.11 -8.37
N GLU B 170 -16.75 -4.89 -18.28
CA GLU B 170 -16.52 -3.49 -18.61
C GLU B 170 -16.41 -2.63 -17.35
N GLU B 171 -16.73 -3.24 -16.21
CA GLU B 171 -16.73 -2.53 -14.94
C GLU B 171 -15.32 -2.14 -14.51
N LYS B 172 -14.38 -3.08 -14.63
CA LYS B 172 -13.00 -2.84 -14.23
C LYS B 172 -12.38 -1.70 -15.04
N ASP B 173 -12.72 -1.63 -16.32
CA ASP B 173 -12.19 -0.60 -17.19
C ASP B 173 -12.82 0.76 -16.87
N HIS B 174 -14.09 0.73 -16.49
CA HIS B 174 -14.80 1.96 -16.14
C HIS B 174 -14.19 2.60 -14.90
N ILE B 175 -13.89 1.77 -13.90
CA ILE B 175 -13.24 2.22 -12.68
C ILE B 175 -11.88 2.83 -12.99
N HIS B 176 -11.17 2.22 -13.93
CA HIS B 176 -9.86 2.72 -14.34
C HIS B 176 -9.95 4.02 -15.12
N ARG B 177 -11.02 4.19 -15.89
CA ARG B 177 -11.23 5.41 -16.66
C ARG B 177 -11.53 6.59 -15.73
N VAL B 178 -12.31 6.33 -14.68
CA VAL B 178 -12.61 7.34 -13.69
C VAL B 178 -11.35 7.71 -12.90
N LEU B 179 -10.54 6.69 -12.59
CA LEU B 179 -9.29 6.89 -11.87
C LEU B 179 -8.32 7.79 -12.64
N ASP B 180 -8.24 7.59 -13.95
CA ASP B 180 -7.40 8.42 -14.79
C ASP B 180 -7.89 9.87 -14.78
N LYS B 181 -9.20 10.04 -14.75
CA LYS B 181 -9.81 11.37 -14.67
C LYS B 181 -9.40 12.09 -13.39
N ILE B 182 -9.37 11.36 -12.28
CA ILE B 182 -8.98 11.96 -11.01
C ILE B 182 -7.49 12.32 -11.04
N THR B 183 -6.71 11.51 -11.72
CA THR B 183 -5.29 11.81 -11.93
C THR B 183 -5.17 13.13 -12.69
N ASP B 184 -5.93 13.25 -13.77
CA ASP B 184 -5.99 14.49 -14.55
C ASP B 184 -6.39 15.67 -13.67
N THR B 185 -7.34 15.43 -12.76
CA THR B 185 -7.83 16.45 -11.86
C THR B 185 -6.73 16.92 -10.90
N LEU B 186 -5.97 15.98 -10.35
CA LEU B 186 -4.85 16.30 -9.46
C LEU B 186 -3.80 17.14 -10.18
N ILE B 187 -3.40 16.70 -11.37
CA ILE B 187 -2.42 17.40 -12.17
C ILE B 187 -2.91 18.81 -12.52
N HIS B 188 -4.20 18.92 -12.83
CA HIS B 188 -4.84 20.20 -13.10
C HIS B 188 -4.70 21.14 -11.92
N LEU B 189 -4.92 20.62 -10.73
CA LEU B 189 -4.82 21.42 -9.50
C LEU B 189 -3.39 21.91 -9.28
N MET B 190 -2.42 21.08 -9.62
CA MET B 190 -1.02 21.43 -9.41
C MET B 190 -0.54 22.43 -10.45
N ALA B 191 -0.99 22.25 -11.69
CA ALA B 191 -0.68 23.21 -12.75
C ALA B 191 -1.28 24.57 -12.42
N LYS B 192 -2.52 24.55 -11.93
CA LYS B 192 -3.22 25.77 -11.52
C LYS B 192 -2.52 26.45 -10.35
N ALA B 193 -1.81 25.65 -9.55
CA ALA B 193 -1.09 26.17 -8.40
C ALA B 193 0.23 26.80 -8.80
N GLY B 194 0.61 26.63 -10.06
CA GLY B 194 1.82 27.25 -10.59
C GLY B 194 3.02 26.33 -10.63
N LEU B 195 2.83 25.08 -10.21
CA LEU B 195 3.91 24.10 -10.23
C LEU B 195 4.38 23.80 -11.65
N THR B 196 5.69 23.61 -11.82
CA THR B 196 6.23 23.23 -13.11
C THR B 196 5.85 21.80 -13.44
N LEU B 197 6.08 21.40 -14.68
CA LEU B 197 5.75 20.05 -15.12
C LEU B 197 6.47 18.98 -14.31
N GLN B 198 7.76 19.22 -14.06
CA GLN B 198 8.55 18.28 -13.28
C GLN B 198 8.06 18.22 -11.84
N GLN B 199 7.66 19.37 -11.31
CA GLN B 199 7.13 19.44 -9.95
C GLN B 199 5.77 18.76 -9.84
N GLN B 200 5.02 18.77 -10.94
CA GLN B 200 3.70 18.15 -10.96
C GLN B 200 3.77 16.64 -10.81
N HIS B 201 4.63 16.00 -11.59
N HIS B 201 4.64 15.97 -11.56
CA HIS B 201 4.83 14.56 -11.53
CA HIS B 201 4.69 14.51 -11.46
C HIS B 201 5.32 14.14 -10.16
C HIS B 201 5.44 14.03 -10.22
N GLN B 202 6.28 14.89 -9.65
CA GLN B 202 6.94 14.58 -8.39
C GLN B 202 5.93 14.63 -7.23
N ARG B 203 5.12 15.68 -7.20
CA ARG B 203 4.13 15.84 -6.14
C ARG B 203 3.04 14.76 -6.27
N LEU B 204 2.68 14.46 -7.50
CA LEU B 204 1.70 13.41 -7.78
C LEU B 204 2.19 12.06 -7.24
N ALA B 205 3.45 11.77 -7.52
CA ALA B 205 4.07 10.54 -7.02
C ALA B 205 4.08 10.52 -5.50
N GLN B 206 4.49 11.63 -4.90
CA GLN B 206 4.53 11.78 -3.45
C GLN B 206 3.18 11.47 -2.80
N LEU B 207 2.12 12.03 -3.37
CA LEU B 207 0.77 11.87 -2.83
C LEU B 207 0.32 10.41 -2.89
N LEU B 208 0.56 9.76 -4.03
CA LEU B 208 0.09 8.39 -4.23
C LEU B 208 0.86 7.37 -3.41
N LEU B 209 2.13 7.64 -3.13
CA LEU B 209 2.93 6.74 -2.32
C LEU B 209 2.49 6.76 -0.87
N ILE B 210 1.87 7.86 -0.46
CA ILE B 210 1.30 7.97 0.88
C ILE B 210 0.10 7.03 1.02
N LEU B 211 -0.60 6.79 -0.08
CA LEU B 211 -1.72 5.86 -0.07
C LEU B 211 -1.26 4.44 0.27
N SER B 212 -0.01 4.14 -0.06
CA SER B 212 0.58 2.85 0.30
C SER B 212 0.71 2.75 1.81
N HIS B 213 1.09 3.86 2.45
CA HIS B 213 1.20 3.87 3.90
CA HIS B 213 1.21 3.90 3.91
C HIS B 213 -0.17 3.83 4.55
N ILE B 214 -1.16 4.45 3.90
CA ILE B 214 -2.52 4.46 4.42
C ILE B 214 -3.11 3.05 4.35
N ARG B 215 -2.81 2.34 3.27
CA ARG B 215 -3.20 0.93 3.15
C ARG B 215 -2.57 0.12 4.28
N HIS B 216 -1.30 0.38 4.54
CA HIS B 216 -0.56 -0.31 5.59
C HIS B 216 -1.19 -0.10 6.96
N MET B 217 -1.59 1.13 7.25
CA MET B 217 -2.19 1.46 8.53
C MET B 217 -3.56 0.80 8.69
N SER B 218 -4.30 0.73 7.59
CA SER B 218 -5.61 0.09 7.60
C SER B 218 -5.49 -1.41 7.83
N ASN B 219 -4.54 -2.05 7.16
CA ASN B 219 -4.31 -3.48 7.34
C ASN B 219 -3.95 -3.81 8.79
N LYS B 220 -3.10 -2.99 9.39
CA LYS B 220 -2.67 -3.19 10.76
C LYS B 220 -3.79 -2.89 11.75
N GLY B 221 -4.50 -1.78 11.52
CA GLY B 221 -5.62 -1.40 12.36
C GLY B 221 -6.71 -2.46 12.32
N MET B 222 -7.01 -2.95 11.14
CA MET B 222 -8.00 -4.01 10.96
C MET B 222 -7.59 -5.26 11.73
N GLU B 223 -6.29 -5.53 11.74
CA GLU B 223 -5.76 -6.72 12.40
C GLU B 223 -6.04 -6.70 13.90
N HIS B 224 -6.02 -5.50 14.47
CA HIS B 224 -6.34 -5.35 15.88
C HIS B 224 -7.85 -5.35 16.11
N LEU B 225 -8.59 -4.75 15.19
CA LEU B 225 -10.03 -4.58 15.37
C LEU B 225 -10.78 -5.91 15.39
N TYR B 226 -10.39 -6.86 14.54
CA TYR B 226 -11.02 -8.18 14.60
C TYR B 226 -10.31 -9.08 15.60
N SER B 227 -9.51 -8.47 16.46
CA SER B 227 -9.01 -9.11 17.67
C SER B 227 -9.80 -8.58 18.86
N MET B 228 -9.85 -7.27 18.98
CA MET B 228 -10.58 -6.60 20.06
C MET B 228 -12.08 -6.84 19.95
N LYS B 229 -12.52 -7.32 18.79
CA LYS B 229 -13.93 -7.65 18.59
C LYS B 229 -14.31 -8.85 19.45
N ASN B 232 -14.35 -10.26 24.04
CA ASN B 232 -14.95 -9.13 23.32
C ASN B 232 -15.05 -7.84 24.15
N VAL B 233 -14.26 -6.84 23.76
CA VAL B 233 -14.12 -5.62 24.54
C VAL B 233 -15.42 -4.82 24.61
N VAL B 234 -15.66 -4.02 23.58
CA VAL B 234 -16.78 -3.08 23.56
C VAL B 234 -17.92 -3.53 22.64
N PRO B 235 -19.13 -2.96 22.83
CA PRO B 235 -20.21 -3.31 21.90
C PRO B 235 -20.00 -2.75 20.50
N LEU B 236 -19.67 -3.62 19.55
CA LEU B 236 -19.56 -3.22 18.16
C LEU B 236 -20.91 -3.29 17.47
N SER B 237 -21.23 -2.25 16.72
CA SER B 237 -22.51 -2.19 16.01
C SER B 237 -22.57 -3.26 14.93
N ASP B 238 -23.78 -3.56 14.48
CA ASP B 238 -23.97 -4.62 13.48
C ASP B 238 -23.29 -4.29 12.16
N LEU B 239 -23.39 -3.03 11.75
CA LEU B 239 -22.75 -2.59 10.50
C LEU B 239 -21.23 -2.72 10.59
N LEU B 240 -20.68 -2.26 11.71
CA LEU B 240 -19.25 -2.32 11.95
C LEU B 240 -18.74 -3.76 11.90
N LEU B 241 -19.47 -4.66 12.55
CA LEU B 241 -19.11 -6.08 12.57
C LEU B 241 -19.08 -6.67 11.17
N GLU B 242 -20.04 -6.28 10.34
CA GLU B 242 -20.10 -6.81 8.99
C GLU B 242 -18.96 -6.25 8.12
N MET B 243 -18.53 -5.03 8.40
CA MET B 243 -17.38 -4.45 7.72
C MET B 243 -16.11 -5.16 8.19
N LEU B 244 -16.04 -5.46 9.48
CA LEU B 244 -14.90 -6.19 10.04
C LEU B 244 -14.81 -7.58 9.46
N ASP B 245 -15.96 -8.24 9.34
CA ASP B 245 -16.04 -9.61 8.85
C ASP B 245 -15.54 -9.72 7.41
N ALA B 246 -15.69 -8.64 6.64
CA ALA B 246 -15.31 -8.63 5.23
C ALA B 246 -13.82 -8.88 5.05
N HIS B 247 -13.02 -8.50 6.05
CA HIS B 247 -11.58 -8.69 6.00
C HIS B 247 -11.15 -9.98 6.67
N ARG B 248 -12.08 -10.93 6.76
CA ARG B 248 -11.77 -12.24 7.34
C ARG B 248 -12.42 -13.36 6.54
N LYS C 3 21.71 -9.08 15.58
CA LYS C 3 20.89 -8.74 14.43
C LYS C 3 21.55 -9.20 13.14
N ILE C 4 21.02 -10.26 12.55
CA ILE C 4 21.62 -10.88 11.37
C ILE C 4 21.60 -9.97 10.16
N LEU C 5 20.46 -9.31 9.93
CA LEU C 5 20.33 -8.36 8.83
C LEU C 5 21.37 -7.26 8.94
N HIS C 6 21.57 -6.77 10.15
CA HIS C 6 22.58 -5.76 10.46
C HIS C 6 23.96 -6.23 10.02
N ARG C 7 24.31 -7.46 10.37
CA ARG C 7 25.59 -8.05 10.01
C ARG C 7 25.76 -8.18 8.51
N LEU C 8 24.71 -8.66 7.84
CA LEU C 8 24.77 -8.89 6.40
C LEU C 8 24.93 -7.60 5.61
N LEU C 9 24.39 -6.51 6.13
CA LEU C 9 24.48 -5.22 5.45
C LEU C 9 25.90 -4.66 5.50
N GLN C 10 26.73 -5.24 6.37
CA GLN C 10 28.12 -4.82 6.48
C GLN C 10 29.04 -5.69 5.61
N ASP C 11 28.83 -7.00 5.65
CA ASP C 11 29.65 -7.93 4.88
C ASP C 11 29.48 -7.73 3.38
N LYS D 3 -27.34 -8.20 3.92
CA LYS D 3 -26.35 -7.48 4.71
C LYS D 3 -26.67 -5.99 4.75
N ILE D 4 -26.31 -5.35 5.86
CA ILE D 4 -26.69 -3.96 6.12
C ILE D 4 -26.13 -2.99 5.08
N LEU D 5 -24.85 -3.14 4.77
CA LEU D 5 -24.19 -2.26 3.80
C LEU D 5 -24.94 -2.25 2.47
N HIS D 6 -25.45 -3.41 2.09
CA HIS D 6 -26.16 -3.57 0.82
C HIS D 6 -27.39 -2.67 0.73
N ARG D 7 -28.25 -2.72 1.74
CA ARG D 7 -29.50 -1.95 1.70
C ARG D 7 -29.27 -0.45 1.95
N LEU D 8 -28.15 -0.12 2.59
CA LEU D 8 -27.82 1.29 2.80
C LEU D 8 -27.40 1.94 1.49
N LEU D 9 -26.71 1.18 0.65
CA LEU D 9 -26.32 1.65 -0.66
C LEU D 9 -27.54 1.73 -1.58
N GLN D 10 -28.46 0.77 -1.43
CA GLN D 10 -29.66 0.72 -2.26
C GLN D 10 -30.69 1.76 -1.82
N ASP D 11 -30.43 3.02 -2.15
CA ASP D 11 -31.34 4.10 -1.82
C ASP D 11 -31.42 5.12 -2.95
O01 OBC E . 1.66 -14.56 1.10
O02 OBC E . 1.51 -16.90 0.11
O03 OBC E . 2.51 -16.62 2.57
S01 OBC E . 2.02 -15.97 1.12
O04 OBC E . 8.90 -17.43 4.35
O05 OBC E . 10.33 -14.74 -4.43
C01 OBC E . 8.26 -16.39 -2.01
C02 OBC E . 9.31 -16.08 -2.78
C03 OBC E . 9.27 -15.06 -3.65
C04 OBC E . 8.12 -14.35 -3.71
C05 OBC E . 7.07 -14.67 -2.94
C06 OBC E . 6.47 -17.95 1.77
C07 OBC E . 7.21 -18.14 2.88
C08 OBC E . 8.16 -17.25 3.23
C09 OBC E . 8.33 -16.18 2.44
C10 OBC E . 7.58 -16.01 1.33
F01 OBC E . -0.17 -16.20 2.68
C11 OBC E . 2.10 -18.75 3.50
C12 OBC E . 1.27 -19.70 3.96
C13 OBC E . -0.05 -19.47 4.00
C14 OBC E . -0.52 -18.30 3.57
C15 OBC E . 0.32 -17.36 3.10
C16 OBC E . 1.64 -17.56 3.06
C17 OBC E . 6.63 -16.89 0.96
C18 OBC E . 7.10 -15.69 -2.06
O06 OBC E . 4.01 -16.99 -1.49
C19 OBC E . 4.61 -15.75 -1.76
C20 OBC E . 6.03 -16.00 -1.29
C21 OBC E . 3.89 -14.83 -0.77
C22 OBC E . 3.75 -15.77 0.45
C23 OBC E . 4.39 -17.04 -0.14
C24 OBC E . 5.88 -16.71 -0.15
O01 OBC F . 1.67 -14.43 1.04
O02 OBC F . 1.43 -16.71 -0.06
O03 OBC F . 2.43 -16.58 2.42
S01 OBC F . 1.97 -15.86 1.00
O04 OBC F . 8.83 -17.43 4.38
O05 OBC F . 10.35 -14.80 -4.45
C01 OBC F . 8.26 -16.38 -1.99
C02 OBC F . 9.32 -16.10 -2.76
C03 OBC F . 9.28 -15.09 -3.66
C04 OBC F . 8.14 -14.38 -3.75
C05 OBC F . 7.09 -14.69 -2.98
C06 OBC F . 6.43 -17.92 1.76
C07 OBC F . 7.16 -18.11 2.87
C08 OBC F . 8.09 -17.22 3.26
C09 OBC F . 8.26 -16.14 2.48
C10 OBC F . 7.53 -15.95 1.37
F01 OBC F . 3.15 -18.99 3.38
C11 OBC F . 0.19 -17.17 2.93
C12 OBC F . -0.73 -18.03 3.40
C13 OBC F . -0.34 -19.22 3.87
C14 OBC F . 0.97 -19.54 3.87
C15 OBC F . 1.86 -18.67 3.39
C16 OBC F . 1.50 -17.46 2.91
C17 OBC F . 6.59 -16.83 0.97
C18 OBC F . 7.11 -15.68 -2.08
O06 OBC F . 4.02 -16.98 -1.52
C19 OBC F . 4.62 -15.75 -1.83
C20 OBC F . 6.04 -15.96 -1.30
C21 OBC F . 3.87 -14.79 -0.90
C22 OBC F . 3.71 -15.68 0.36
C23 OBC F . 4.36 -16.98 -0.16
C24 OBC F . 5.85 -16.64 -0.15
O01 OBC G . -6.10 1.28 14.12
O02 OBC G . -6.13 2.81 16.16
O03 OBC G . -7.60 0.58 16.20
S01 OBC G . -6.70 1.71 15.38
O04 OBC G . -14.27 0.15 15.17
O05 OBC G . -12.80 8.96 11.93
C01 OBC G . -10.16 6.63 12.62
C02 OBC G . -10.86 7.64 12.08
C03 OBC G . -12.09 7.93 12.50
C04 OBC G . -12.61 7.18 13.48
C05 OBC G . -11.91 6.18 14.03
C06 OBC G . -12.08 2.70 13.92
C07 OBC G . -13.07 1.81 13.99
C08 OBC G . -13.26 1.05 15.09
C09 OBC G . -12.42 1.25 16.11
C10 OBC G . -11.42 2.14 16.03
F01 OBC G . -8.64 0.28 18.66
C11 OBC G . -5.66 -0.52 16.99
C12 OBC G . -4.97 -1.12 17.97
C13 OBC G . -5.51 -1.27 19.19
C14 OBC G . -6.74 -0.79 19.41
C15 OBC G . -7.42 -0.19 18.44
C16 OBC G . -6.90 -0.04 17.20
C17 OBC G . -11.22 2.91 14.94
C18 OBC G . -10.67 5.86 13.61
O06 OBC G . -8.18 4.74 15.52
C19 OBC G . -8.41 4.92 14.15
C20 OBC G . -9.93 4.87 14.12
C21 OBC G . -7.83 3.64 13.55
C22 OBC G . -8.15 2.62 14.65
C23 OBC G . -8.89 3.53 15.63
C24 OBC G . -10.21 3.80 14.91
#